data_6RCH
#
_entry.id   6RCH
#
_cell.length_a   49.106
_cell.length_b   74.072
_cell.length_c   88.967
_cell.angle_alpha   90.000
_cell.angle_beta   103.180
_cell.angle_gamma   90.000
#
_symmetry.space_group_name_H-M   'P 1 21 1'
#
loop_
_entity.id
_entity.type
_entity.pdbx_description
1 polymer 'Casein kinase I isoform delta'
2 non-polymer 'SULFATE ION'
3 non-polymer 1,2-ETHANEDIOL
4 non-polymer 'SODIUM ION'
5 non-polymer ~{N}-[[4,5-bis(fluoranyl)-1~{H}-benzimidazol-2-yl]methyl]-2-morpholin-4-yl-9-naphthalen-2-yl-purin-6-amine
6 water water
#
_entity_poly.entity_id   1
_entity_poly.type   'polypeptide(L)'
_entity_poly.pdbx_seq_one_letter_code
;SMMELRVGNRYRLGRKIGSGSFGDIYLGTDIAAGEEVAIKLECVKTKHPQLHIESKIYKMMQGGVGIPTIRWCGAEGDYN
VMVMELLGPSLEDLFNFCSRKFSLKTVLLLADQMISRIEYIHSKNFIHRDVKPDNFLMGLGKKGNLVYIIDFGLAKKYRD
ARTHQHIPYRENKNLTGTARYASINTHLGIEQSRRDDLESLGYVLMYFNLGSLPWQGLKAATKRQKYERISEKKMSTPIE
VLCKGYPSEFATYLNFCRSLRFDDKPDYSYLRQLFRNLFHRQGFSYDYVFDWNMLK
;
_entity_poly.pdbx_strand_id   A,B
#
loop_
_chem_comp.id
_chem_comp.type
_chem_comp.name
_chem_comp.formula
EDO non-polymer 1,2-ETHANEDIOL 'C2 H6 O2'
K0B non-polymer ~{N}-[[4,5-bis(fluoranyl)-1~{H}-benzimidazol-2-yl]methyl]-2-morpholin-4-yl-9-naphthalen-2-yl-purin-6-amine 'C27 H22 F2 N8 O'
NA non-polymer 'SODIUM ION' 'Na 1'
SO4 non-polymer 'SULFATE ION' 'O4 S -2'
#
# COMPACT_ATOMS: atom_id res chain seq x y z
N GLU A 4 11.01 -20.45 -3.11
CA GLU A 4 11.32 -21.82 -2.60
C GLU A 4 12.84 -22.06 -2.56
N LEU A 5 13.39 -22.11 -1.34
CA LEU A 5 14.85 -22.33 -1.13
C LEU A 5 15.12 -22.90 0.26
N ARG A 6 16.20 -23.68 0.36
CA ARG A 6 16.75 -24.09 1.65
C ARG A 6 18.11 -23.46 1.79
N VAL A 7 18.26 -22.70 2.86
CA VAL A 7 19.49 -21.98 3.15
C VAL A 7 20.31 -22.76 4.17
N GLY A 8 21.60 -22.99 3.87
CA GLY A 8 22.54 -23.54 4.84
C GLY A 8 22.28 -24.91 5.44
N ASN A 9 21.54 -25.74 4.71
CA ASN A 9 21.12 -27.05 5.22
C ASN A 9 20.18 -26.94 6.43
N ARG A 10 19.81 -25.72 6.79
CA ARG A 10 19.17 -25.46 8.06
C ARG A 10 17.83 -24.70 7.96
N TYR A 11 17.66 -23.82 6.99
CA TYR A 11 16.53 -22.88 6.99
C TYR A 11 15.69 -23.05 5.78
N ARG A 12 14.39 -23.02 5.97
CA ARG A 12 13.44 -22.97 4.89
C ARG A 12 13.05 -21.53 4.66
N LEU A 13 13.18 -21.09 3.42
CA LEU A 13 12.74 -19.75 3.05
C LEU A 13 11.24 -19.68 2.89
N GLY A 14 10.60 -18.70 3.55
CA GLY A 14 9.17 -18.47 3.45
C GLY A 14 8.84 -17.28 2.57
N ARG A 15 7.71 -16.64 2.80
CA ARG A 15 7.29 -15.54 1.95
C ARG A 15 8.05 -14.26 2.18
N LYS A 16 8.09 -13.45 1.14
CA LYS A 16 8.61 -12.10 1.23
C LYS A 16 7.63 -11.29 2.05
N ILE A 17 8.17 -10.54 3.01
CA ILE A 17 7.37 -9.66 3.87
C ILE A 17 7.66 -8.17 3.73
N GLY A 18 8.76 -7.79 3.07
CA GLY A 18 8.98 -6.38 2.83
C GLY A 18 10.35 -6.20 2.18
N SER A 19 10.76 -4.94 2.12
CA SER A 19 12.03 -4.60 1.57
C SER A 19 12.86 -3.98 2.66
N GLY A 20 14.15 -4.13 2.52
CA GLY A 20 15.13 -3.42 3.32
C GLY A 20 16.12 -2.73 2.44
N SER A 21 17.14 -2.18 3.07
CA SER A 21 18.18 -1.52 2.31
C SER A 21 19.06 -2.51 1.55
N PHE A 22 18.98 -2.53 0.23
CA PHE A 22 19.80 -3.40 -0.60
C PHE A 22 19.46 -4.87 -0.45
N GLY A 23 18.25 -5.15 -0.01
CA GLY A 23 17.80 -6.53 0.01
C GLY A 23 16.41 -6.66 0.57
N ASP A 24 15.67 -7.62 0.03
CA ASP A 24 14.32 -7.85 0.48
C ASP A 24 14.35 -8.75 1.70
N ILE A 25 13.27 -8.68 2.47
CA ILE A 25 13.14 -9.37 3.75
C ILE A 25 12.04 -10.44 3.63
N TYR A 26 12.36 -11.63 4.10
CA TYR A 26 11.54 -12.85 4.01
C TYR A 26 11.39 -13.44 5.38
N LEU A 27 10.27 -14.09 5.60
CA LEU A 27 10.19 -15.02 6.72
C LEU A 27 10.94 -16.30 6.34
N GLY A 28 11.43 -16.98 7.37
CA GLY A 28 11.98 -18.32 7.20
C GLY A 28 11.81 -19.13 8.46
N THR A 29 12.19 -20.42 8.36
CA THR A 29 12.09 -21.33 9.50
C THR A 29 13.39 -22.12 9.70
N ASP A 30 13.96 -22.12 10.89
CA ASP A 30 14.99 -23.07 11.28
C ASP A 30 14.27 -24.38 11.41
N ILE A 31 14.50 -25.28 10.47
CA ILE A 31 13.63 -26.46 10.33
C ILE A 31 13.77 -27.39 11.51
N ALA A 32 14.98 -27.70 11.94
CA ALA A 32 15.18 -28.59 13.10
C ALA A 32 14.69 -28.03 14.40
N ALA A 33 14.82 -26.70 14.59
CA ALA A 33 14.43 -26.05 15.84
C ALA A 33 12.97 -25.65 15.85
N GLY A 34 12.37 -25.56 14.69
CA GLY A 34 11.03 -25.04 14.52
C GLY A 34 10.87 -23.61 14.92
N GLU A 35 11.90 -22.82 14.68
CA GLU A 35 11.96 -21.40 15.10
C GLU A 35 11.77 -20.58 13.83
N GLU A 36 10.82 -19.69 13.85
CA GLU A 36 10.63 -18.74 12.75
C GLU A 36 11.72 -17.67 12.89
N VAL A 37 12.26 -17.27 11.73
CA VAL A 37 13.36 -16.27 11.61
C VAL A 37 13.01 -15.27 10.52
N ALA A 38 13.77 -14.18 10.47
CA ALA A 38 13.71 -13.22 9.36
C ALA A 38 14.98 -13.37 8.52
N ILE A 39 14.83 -13.20 7.23
CA ILE A 39 15.93 -13.49 6.29
C ILE A 39 16.06 -12.33 5.32
N LYS A 40 17.24 -11.77 5.22
CA LYS A 40 17.52 -10.75 4.21
C LYS A 40 18.31 -11.41 3.07
N LEU A 41 17.88 -11.15 1.85
CA LEU A 41 18.52 -11.72 0.62
C LEU A 41 19.14 -10.64 -0.24
N GLU A 42 20.33 -10.91 -0.76
CA GLU A 42 21.01 -10.01 -1.70
C GLU A 42 21.35 -10.85 -2.93
N CYS A 43 21.05 -10.37 -4.11
CA CYS A 43 21.47 -11.05 -5.34
CA CYS A 43 21.46 -11.06 -5.33
C CYS A 43 22.99 -11.16 -5.36
N VAL A 44 23.47 -12.37 -5.51
CA VAL A 44 24.91 -12.61 -5.41
C VAL A 44 25.71 -11.95 -6.51
N LYS A 45 25.07 -11.68 -7.65
CA LYS A 45 25.73 -11.00 -8.77
C LYS A 45 25.64 -9.48 -8.77
N THR A 46 25.12 -8.89 -7.70
CA THR A 46 25.04 -7.45 -7.62
C THR A 46 26.38 -6.77 -7.83
N LYS A 47 26.34 -5.63 -8.52
CA LYS A 47 27.50 -4.79 -8.70
C LYS A 47 28.03 -4.13 -7.43
N HIS A 48 27.13 -3.96 -6.46
CA HIS A 48 27.47 -3.28 -5.22
C HIS A 48 27.14 -4.12 -4.02
N PRO A 49 27.84 -5.25 -3.85
CA PRO A 49 27.50 -6.11 -2.73
C PRO A 49 27.74 -5.43 -1.40
N GLN A 50 26.83 -5.69 -0.45
CA GLN A 50 27.02 -5.16 0.89
C GLN A 50 26.49 -6.03 2.01
N LEU A 51 25.80 -7.13 1.72
CA LEU A 51 25.17 -7.87 2.81
C LEU A 51 26.20 -8.43 3.76
N HIS A 52 27.37 -8.81 3.27
CA HIS A 52 28.41 -9.32 4.14
C HIS A 52 29.03 -8.17 4.97
N ILE A 53 29.07 -6.96 4.42
CA ILE A 53 29.44 -5.78 5.22
C ILE A 53 28.46 -5.59 6.35
N GLU A 54 27.19 -5.69 6.03
CA GLU A 54 26.14 -5.51 7.04
C GLU A 54 26.24 -6.56 8.07
N SER A 55 26.52 -7.80 7.66
CA SER A 55 26.62 -8.89 8.62
CA SER A 55 26.61 -8.90 8.61
CA SER A 55 26.65 -8.88 8.61
C SER A 55 27.76 -8.65 9.60
N LYS A 56 28.87 -8.08 9.13
CA LYS A 56 29.99 -7.77 10.05
C LYS A 56 29.64 -6.66 11.00
N ILE A 57 28.85 -5.68 10.56
CA ILE A 57 28.36 -4.68 11.49
C ILE A 57 27.49 -5.31 12.53
N TYR A 58 26.58 -6.19 12.16
CA TYR A 58 25.76 -6.89 13.15
C TYR A 58 26.56 -7.72 14.13
N LYS A 59 27.58 -8.41 13.65
CA LYS A 59 28.42 -9.17 14.53
C LYS A 59 29.12 -8.26 15.57
N MET A 60 29.62 -7.14 15.11
CA MET A 60 30.27 -6.17 15.96
C MET A 60 29.29 -5.55 16.97
N MET A 61 28.04 -5.33 16.57
CA MET A 61 27.06 -4.65 17.41
C MET A 61 26.43 -5.61 18.40
N GLN A 62 26.71 -6.91 18.26
CA GLN A 62 26.05 -7.94 19.04
C GLN A 62 26.24 -7.68 20.52
N GLY A 63 25.19 -7.96 21.25
CA GLY A 63 25.18 -7.73 22.69
C GLY A 63 24.56 -6.43 23.09
N GLY A 64 24.40 -5.49 22.15
CA GLY A 64 23.63 -4.33 22.39
C GLY A 64 22.18 -4.66 22.65
N VAL A 65 21.61 -3.98 23.61
CA VAL A 65 20.21 -4.10 23.87
C VAL A 65 19.40 -3.59 22.65
N GLY A 66 18.44 -4.37 22.18
CA GLY A 66 17.59 -3.98 21.07
C GLY A 66 18.26 -3.99 19.71
N ILE A 67 19.35 -4.71 19.60
CA ILE A 67 19.96 -5.03 18.30
C ILE A 67 19.62 -6.48 18.02
N PRO A 68 18.96 -6.76 16.86
CA PRO A 68 18.63 -8.19 16.66
C PRO A 68 19.87 -9.05 16.50
N THR A 69 19.74 -10.30 16.94
CA THR A 69 20.80 -11.24 16.82
C THR A 69 20.90 -11.76 15.38
N ILE A 70 22.11 -11.89 14.90
CA ILE A 70 22.35 -12.52 13.60
C ILE A 70 22.61 -14.01 13.80
N ARG A 71 21.83 -14.85 13.14
CA ARG A 71 21.94 -16.31 13.26
C ARG A 71 22.87 -16.95 12.30
N TRP A 72 22.89 -16.48 11.05
CA TRP A 72 23.70 -17.11 10.01
C TRP A 72 23.91 -16.15 8.90
N CYS A 73 25.11 -16.14 8.32
CA CYS A 73 25.31 -15.42 7.07
C CYS A 73 26.10 -16.29 6.11
N GLY A 74 25.62 -16.36 4.88
CA GLY A 74 26.17 -17.26 3.91
C GLY A 74 25.58 -17.02 2.55
N ALA A 75 25.60 -18.07 1.73
CA ALA A 75 25.18 -17.91 0.39
C ALA A 75 24.43 -19.15 0.03
N GLU A 76 23.46 -19.02 -0.84
CA GLU A 76 22.67 -20.16 -1.30
C GLU A 76 22.11 -19.83 -2.64
N GLY A 77 22.28 -20.70 -3.64
CA GLY A 77 21.71 -20.42 -4.91
C GLY A 77 22.21 -19.10 -5.45
N ASP A 78 21.29 -18.25 -5.82
CA ASP A 78 21.61 -16.99 -6.43
C ASP A 78 21.76 -15.82 -5.45
N TYR A 79 21.86 -16.13 -4.17
CA TYR A 79 21.73 -15.10 -3.13
C TYR A 79 22.81 -15.21 -2.05
N ASN A 80 23.21 -14.05 -1.54
CA ASN A 80 23.79 -13.93 -0.23
C ASN A 80 22.63 -13.84 0.78
N VAL A 81 22.80 -14.49 1.92
CA VAL A 81 21.74 -14.69 2.87
C VAL A 81 22.19 -14.23 4.25
N MET A 82 21.32 -13.47 4.94
CA MET A 82 21.56 -13.09 6.35
C MET A 82 20.32 -13.44 7.13
N VAL A 83 20.44 -14.40 8.05
CA VAL A 83 19.35 -14.87 8.87
C VAL A 83 19.42 -14.22 10.21
N MET A 84 18.31 -13.62 10.61
CA MET A 84 18.19 -12.80 11.82
C MET A 84 17.08 -13.29 12.73
N GLU A 85 17.26 -12.99 13.99
CA GLU A 85 16.20 -13.11 14.99
C GLU A 85 14.86 -12.49 14.54
N LEU A 86 13.80 -13.24 14.68
CA LEU A 86 12.44 -12.73 14.39
C LEU A 86 11.97 -11.83 15.53
N LEU A 87 11.43 -10.68 15.13
CA LEU A 87 10.87 -9.69 16.04
C LEU A 87 9.39 -9.50 15.76
N GLY A 88 8.78 -8.69 16.62
CA GLY A 88 7.37 -8.40 16.54
C GLY A 88 7.07 -7.30 15.53
N PRO A 89 5.88 -6.74 15.58
CA PRO A 89 5.48 -5.72 14.64
C PRO A 89 6.34 -4.45 14.74
N SER A 90 6.39 -3.73 13.63
CA SER A 90 7.01 -2.43 13.61
C SER A 90 6.16 -1.41 14.34
N LEU A 91 6.82 -0.27 14.63
CA LEU A 91 6.08 0.82 15.28
C LEU A 91 5.00 1.42 14.35
N GLU A 92 5.19 1.35 13.03
CA GLU A 92 4.14 1.76 12.12
C GLU A 92 2.97 0.81 12.17
N ASP A 93 3.26 -0.48 12.24
CA ASP A 93 2.18 -1.43 12.39
C ASP A 93 1.39 -1.23 13.68
N LEU A 94 2.09 -1.05 14.79
CA LEU A 94 1.47 -0.84 16.04
C LEU A 94 0.72 0.48 16.08
N PHE A 95 1.26 1.49 15.42
CA PHE A 95 0.53 2.77 15.28
C PHE A 95 -0.82 2.56 14.59
N ASN A 96 -0.81 1.81 13.50
CA ASN A 96 -2.07 1.42 12.86
C ASN A 96 -3.00 0.65 13.76
N PHE A 97 -2.45 -0.33 14.48
CA PHE A 97 -3.29 -1.16 15.39
C PHE A 97 -3.85 -0.31 16.56
N CYS A 98 -3.17 0.80 16.87
CA CYS A 98 -3.65 1.74 17.89
C CYS A 98 -4.46 2.90 17.31
N SER A 99 -5.03 2.67 16.11
CA SER A 99 -5.91 3.66 15.50
C SER A 99 -5.19 4.93 15.07
N ARG A 100 -3.90 4.84 14.77
CA ARG A 100 -3.06 5.93 14.36
C ARG A 100 -3.11 7.10 15.33
N LYS A 101 -3.15 6.73 16.59
CA LYS A 101 -2.97 7.69 17.72
C LYS A 101 -2.21 6.94 18.79
N PHE A 102 -1.17 7.56 19.31
CA PHE A 102 -0.50 7.05 20.52
C PHE A 102 -0.75 8.03 21.63
N SER A 103 -0.91 7.54 22.81
CA SER A 103 -0.91 8.38 24.00
C SER A 103 0.44 9.04 24.18
N LEU A 104 0.41 10.20 24.87
CA LEU A 104 1.65 10.86 25.22
C LEU A 104 2.56 9.87 25.99
N LYS A 105 1.98 9.09 26.89
CA LYS A 105 2.77 8.15 27.66
C LYS A 105 3.54 7.17 26.75
N THR A 106 2.84 6.57 25.78
CA THR A 106 3.49 5.70 24.83
C THR A 106 4.56 6.38 24.00
N VAL A 107 4.30 7.62 23.55
CA VAL A 107 5.32 8.34 22.81
C VAL A 107 6.59 8.49 23.65
N LEU A 108 6.40 8.86 24.91
CA LEU A 108 7.54 9.07 25.79
C LEU A 108 8.30 7.80 26.12
N LEU A 109 7.58 6.70 26.32
CA LEU A 109 8.21 5.39 26.55
C LEU A 109 9.05 4.98 25.35
N LEU A 110 8.51 5.22 24.16
CA LEU A 110 9.24 4.93 22.95
C LEU A 110 10.44 5.84 22.78
N ALA A 111 10.26 7.12 23.02
CA ALA A 111 11.36 8.05 22.81
C ALA A 111 12.56 7.67 23.62
N ASP A 112 12.36 7.26 24.88
CA ASP A 112 13.53 6.93 25.71
C ASP A 112 14.38 5.85 25.09
N GLN A 113 13.71 4.80 24.64
CA GLN A 113 14.42 3.69 24.04
C GLN A 113 15.02 3.99 22.70
N MET A 114 14.28 4.75 21.88
CA MET A 114 14.77 5.07 20.54
C MET A 114 16.02 5.94 20.59
N ILE A 115 16.04 6.91 21.51
CA ILE A 115 17.28 7.72 21.67
C ILE A 115 18.44 6.81 22.07
N SER A 116 18.21 5.92 23.03
CA SER A 116 19.25 4.99 23.45
C SER A 116 19.73 4.03 22.36
N ARG A 117 18.84 3.58 21.51
N ARG A 117 18.83 3.56 21.48
CA ARG A 117 19.24 2.69 20.46
CA ARG A 117 19.25 2.66 20.37
C ARG A 117 20.18 3.40 19.47
C ARG A 117 20.21 3.41 19.48
N ILE A 118 19.84 4.65 19.16
CA ILE A 118 20.67 5.48 18.31
C ILE A 118 22.00 5.76 19.00
N GLU A 119 21.99 6.09 20.27
CA GLU A 119 23.24 6.29 21.01
C GLU A 119 24.13 5.06 20.96
N TYR A 120 23.57 3.89 21.13
CA TYR A 120 24.37 2.66 21.08
C TYR A 120 25.07 2.51 19.73
N ILE A 121 24.33 2.68 18.65
CA ILE A 121 24.91 2.59 17.32
C ILE A 121 26.06 3.59 17.15
N HIS A 122 25.85 4.82 17.61
CA HIS A 122 26.88 5.81 17.54
C HIS A 122 28.12 5.43 18.38
N SER A 123 27.91 4.80 19.51
CA SER A 123 29.01 4.41 20.35
C SER A 123 29.92 3.38 19.70
N LYS A 124 29.36 2.65 18.73
CA LYS A 124 30.09 1.64 17.98
C LYS A 124 30.59 2.17 16.64
N ASN A 125 30.56 3.49 16.49
CA ASN A 125 31.24 4.24 15.42
C ASN A 125 30.44 4.39 14.12
N PHE A 126 29.14 4.06 14.17
CA PHE A 126 28.26 4.10 13.01
C PHE A 126 27.14 5.10 13.18
N ILE A 127 26.65 5.59 12.05
CA ILE A 127 25.36 6.26 11.96
C ILE A 127 24.41 5.40 11.15
N HIS A 128 23.11 5.45 11.46
CA HIS A 128 22.12 4.56 10.87
C HIS A 128 21.61 5.02 9.52
N ARG A 129 21.27 6.29 9.43
CA ARG A 129 20.88 6.95 8.17
C ARG A 129 19.57 6.51 7.59
N ASP A 130 18.73 5.82 8.36
CA ASP A 130 17.40 5.40 7.88
C ASP A 130 16.40 5.31 9.02
N VAL A 131 16.36 6.37 9.82
CA VAL A 131 15.49 6.42 10.98
C VAL A 131 14.08 6.69 10.54
N LYS A 132 13.19 5.73 10.73
CA LYS A 132 11.78 5.80 10.32
C LYS A 132 10.99 4.81 11.11
N PRO A 133 9.66 4.99 11.23
CA PRO A 133 8.90 4.06 12.11
C PRO A 133 9.02 2.60 11.70
N ASP A 134 9.17 2.33 10.43
CA ASP A 134 9.23 0.93 9.95
C ASP A 134 10.53 0.24 10.34
N ASN A 135 11.54 0.98 10.78
CA ASN A 135 12.81 0.37 11.19
C ASN A 135 12.94 0.20 12.70
N PHE A 136 11.82 0.40 13.46
CA PHE A 136 11.82 0.06 14.86
C PHE A 136 10.72 -0.99 15.06
N LEU A 137 11.08 -2.09 15.67
CA LEU A 137 10.16 -3.25 15.89
C LEU A 137 10.21 -3.61 17.34
N MET A 138 9.07 -3.96 17.93
CA MET A 138 9.08 -4.50 19.26
C MET A 138 9.57 -5.93 19.29
N GLY A 139 10.17 -6.31 20.41
CA GLY A 139 10.54 -7.70 20.65
C GLY A 139 9.35 -8.55 20.96
N LEU A 140 9.65 -9.82 21.12
CA LEU A 140 8.69 -10.84 21.50
C LEU A 140 9.03 -11.53 22.83
N GLY A 141 8.01 -12.09 23.46
CA GLY A 141 8.22 -12.88 24.69
C GLY A 141 8.80 -12.04 25.81
N LYS A 142 9.90 -12.52 26.39
CA LYS A 142 10.54 -11.83 27.52
C LYS A 142 11.04 -10.41 27.08
N LYS A 143 11.22 -10.24 25.77
CA LYS A 143 11.65 -8.94 25.20
C LYS A 143 10.49 -8.12 24.62
N GLY A 144 9.26 -8.41 25.03
CA GLY A 144 8.09 -7.72 24.51
C GLY A 144 8.06 -6.25 24.78
N ASN A 145 8.76 -5.76 25.80
CA ASN A 145 8.75 -4.32 26.08
C ASN A 145 9.94 -3.62 25.48
N LEU A 146 10.74 -4.31 24.69
CA LEU A 146 11.97 -3.73 24.14
C LEU A 146 11.75 -3.31 22.70
N VAL A 147 12.14 -2.07 22.42
CA VAL A 147 12.18 -1.52 21.08
C VAL A 147 13.53 -1.88 20.44
N TYR A 148 13.47 -2.59 19.32
CA TYR A 148 14.65 -2.88 18.47
C TYR A 148 14.73 -1.89 17.31
N ILE A 149 15.93 -1.67 16.82
CA ILE A 149 16.15 -1.01 15.55
C ILE A 149 16.67 -2.05 14.57
N ILE A 150 16.22 -1.97 13.32
CA ILE A 150 16.68 -2.88 12.28
C ILE A 150 17.30 -2.13 11.13
N ASP A 151 18.11 -2.92 10.39
CA ASP A 151 18.67 -2.59 9.07
C ASP A 151 19.91 -1.73 9.18
N PHE A 152 21.06 -2.30 8.89
CA PHE A 152 22.28 -1.52 8.79
C PHE A 152 22.71 -1.36 7.35
N GLY A 153 21.80 -1.56 6.40
CA GLY A 153 22.15 -1.46 5.00
C GLY A 153 22.48 -0.09 4.48
N LEU A 154 22.07 0.95 5.20
CA LEU A 154 22.45 2.37 4.89
C LEU A 154 23.42 2.93 5.90
N ALA A 155 23.87 2.14 6.84
CA ALA A 155 24.75 2.61 7.93
C ALA A 155 26.10 2.94 7.37
N LYS A 156 26.77 3.87 8.01
CA LYS A 156 28.10 4.36 7.61
C LYS A 156 28.92 4.63 8.86
N LYS A 157 30.21 4.31 8.78
CA LYS A 157 31.11 4.64 9.86
C LYS A 157 31.35 6.12 9.83
N TYR A 158 31.17 6.81 10.95
CA TYR A 158 31.35 8.27 11.00
C TYR A 158 32.65 8.68 11.67
N ARG A 159 33.37 7.74 12.32
CA ARG A 159 34.64 8.06 12.93
C ARG A 159 35.50 6.84 12.86
N ASP A 160 36.80 7.07 12.81
CA ASP A 160 37.75 5.99 12.70
C ASP A 160 37.73 5.19 13.99
N ALA A 161 37.73 3.87 13.88
CA ALA A 161 37.66 3.02 15.05
C ALA A 161 38.92 3.13 15.97
N ARG A 162 40.08 3.41 15.39
CA ARG A 162 41.34 3.46 16.16
C ARG A 162 41.55 4.85 16.76
N THR A 163 41.30 5.91 15.99
CA THR A 163 41.58 7.28 16.45
C THR A 163 40.35 8.13 16.81
N HIS A 164 39.15 7.69 16.40
CA HIS A 164 37.91 8.46 16.56
C HIS A 164 37.91 9.80 15.78
N GLN A 165 38.80 9.94 14.82
CA GLN A 165 38.74 11.08 13.90
CA GLN A 165 38.74 11.08 13.92
C GLN A 165 37.40 11.01 13.15
N HIS A 166 36.65 12.11 13.19
CA HIS A 166 35.35 12.15 12.50
C HIS A 166 35.56 12.27 10.97
N ILE A 167 34.62 11.73 10.21
CA ILE A 167 34.61 11.92 8.77
C ILE A 167 34.54 13.41 8.45
N PRO A 168 35.06 13.82 7.27
CA PRO A 168 35.04 15.22 6.93
C PRO A 168 33.66 15.71 6.48
N TYR A 169 33.46 17.02 6.62
CA TYR A 169 32.26 17.70 6.13
C TYR A 169 32.22 17.61 4.63
N ARG A 170 31.11 17.21 4.07
CA ARG A 170 30.92 17.16 2.63
C ARG A 170 29.58 17.67 2.23
N GLU A 171 29.49 18.14 1.00
CA GLU A 171 28.31 18.77 0.43
C GLU A 171 27.90 18.02 -0.83
N ASN A 172 26.74 18.40 -1.35
CA ASN A 172 26.22 17.78 -2.61
C ASN A 172 26.02 16.25 -2.53
N LYS A 173 25.64 15.76 -1.36
CA LYS A 173 25.30 14.34 -1.11
C LYS A 173 23.83 14.08 -1.33
N ASN A 174 23.52 12.80 -1.46
CA ASN A 174 22.18 12.31 -1.74
C ASN A 174 21.45 11.84 -0.50
N LEU A 175 20.15 12.02 -0.50
N LEU A 175 20.17 12.09 -0.52
CA LEU A 175 19.33 11.57 0.59
CA LEU A 175 19.35 11.79 0.57
C LEU A 175 19.38 9.99 0.67
C LEU A 175 19.32 10.28 0.75
N THR A 176 19.33 9.38 1.86
N THR A 176 19.38 9.81 1.99
CA THR A 176 19.46 7.89 1.98
CA THR A 176 19.13 8.41 2.22
C THR A 176 18.13 7.16 2.29
C THR A 176 17.86 8.24 3.04
N GLY A 177 17.44 7.65 3.33
N GLY A 177 17.22 7.10 2.83
CA GLY A 177 16.23 7.07 3.81
CA GLY A 177 16.09 6.75 3.61
C GLY A 177 14.98 7.69 3.19
C GLY A 177 14.84 7.42 3.04
N THR A 178 13.84 7.60 3.89
CA THR A 178 12.56 8.06 3.46
C THR A 178 12.56 9.58 3.65
N ALA A 179 12.25 10.29 2.57
CA ALA A 179 12.34 11.76 2.59
C ALA A 179 11.50 12.39 3.67
N ARG A 180 10.39 11.76 4.04
CA ARG A 180 9.52 12.27 5.07
C ARG A 180 10.25 12.57 6.36
N TYR A 181 11.21 11.71 6.72
CA TYR A 181 11.92 11.83 8.02
C TYR A 181 13.34 12.39 7.94
N ALA A 182 13.78 12.76 6.75
CA ALA A 182 15.16 13.26 6.60
C ALA A 182 15.40 14.55 7.30
N SER A 183 16.60 14.75 7.80
CA SER A 183 16.96 16.02 8.38
C SER A 183 16.99 17.14 7.34
N ILE A 184 16.89 18.38 7.78
CA ILE A 184 17.04 19.48 6.83
C ILE A 184 18.41 19.46 6.18
N ASN A 185 19.47 19.25 6.97
CA ASN A 185 20.81 19.20 6.36
C ASN A 185 20.96 18.07 5.35
N THR A 186 20.28 16.94 5.55
CA THR A 186 20.31 15.87 4.54
C THR A 186 19.68 16.32 3.26
N HIS A 187 18.53 17.00 3.34
CA HIS A 187 17.92 17.57 2.13
C HIS A 187 18.83 18.58 1.43
N LEU A 188 19.62 19.30 2.21
CA LEU A 188 20.54 20.28 1.64
C LEU A 188 21.85 19.69 1.17
N GLY A 189 21.99 18.38 1.22
CA GLY A 189 23.14 17.73 0.62
C GLY A 189 24.32 17.55 1.54
N ILE A 190 24.19 17.86 2.82
CA ILE A 190 25.28 17.75 3.72
C ILE A 190 25.45 16.27 4.13
N GLU A 191 26.72 15.86 4.21
CA GLU A 191 27.04 14.53 4.80
C GLU A 191 26.31 14.35 6.12
N GLN A 192 25.70 13.18 6.29
CA GLN A 192 25.01 12.86 7.56
C GLN A 192 25.97 12.55 8.64
N SER A 193 25.60 12.92 9.86
CA SER A 193 26.38 12.60 11.05
C SER A 193 25.46 12.28 12.18
N ARG A 194 25.97 12.22 13.39
CA ARG A 194 25.16 11.76 14.51
C ARG A 194 23.91 12.61 14.72
N ARG A 195 24.03 13.92 14.56
CA ARG A 195 22.89 14.81 14.71
C ARG A 195 21.73 14.44 13.81
N ASP A 196 21.99 13.94 12.62
CA ASP A 196 20.91 13.69 11.64
C ASP A 196 20.05 12.51 12.04
N ASP A 197 20.64 11.48 12.64
CA ASP A 197 19.86 10.35 13.08
C ASP A 197 18.87 10.85 14.17
N LEU A 198 19.35 11.73 15.04
CA LEU A 198 18.53 12.21 16.13
C LEU A 198 17.47 13.20 15.65
N GLU A 199 17.79 14.06 14.68
CA GLU A 199 16.75 14.96 14.12
C GLU A 199 15.64 14.13 13.48
N SER A 200 16.01 13.11 12.70
CA SER A 200 15.00 12.25 12.09
C SER A 200 14.08 11.63 13.14
N LEU A 201 14.67 11.18 14.26
CA LEU A 201 13.87 10.62 15.33
C LEU A 201 12.85 11.67 15.82
N GLY A 202 13.25 12.94 15.91
CA GLY A 202 12.33 13.99 16.31
C GLY A 202 11.16 14.09 15.40
N TYR A 203 11.37 13.94 14.09
CA TYR A 203 10.25 13.93 13.13
C TYR A 203 9.38 12.70 13.30
N VAL A 204 9.97 11.56 13.61
CA VAL A 204 9.21 10.37 13.88
C VAL A 204 8.30 10.55 15.09
N LEU A 205 8.84 11.15 16.15
CA LEU A 205 8.02 11.37 17.35
C LEU A 205 6.88 12.32 17.01
N MET A 206 7.12 13.40 16.27
CA MET A 206 5.99 14.27 15.95
C MET A 206 5.02 13.69 14.97
N TYR A 207 5.46 12.80 14.12
CA TYR A 207 4.57 11.99 13.29
C TYR A 207 3.65 11.13 14.14
N PHE A 208 4.16 10.50 15.16
CA PHE A 208 3.28 9.72 16.05
C PHE A 208 2.31 10.64 16.75
N ASN A 209 2.75 11.83 17.17
CA ASN A 209 1.82 12.76 17.86
C ASN A 209 0.72 13.27 16.96
N LEU A 210 1.05 13.58 15.72
CA LEU A 210 0.10 14.21 14.79
C LEU A 210 -0.68 13.25 13.86
N GLY A 211 -0.11 12.11 13.51
CA GLY A 211 -0.65 11.20 12.52
C GLY A 211 -0.13 11.37 11.13
N SER A 212 0.50 12.53 10.90
CA SER A 212 1.07 12.88 9.64
C SER A 212 2.02 14.02 9.94
N LEU A 213 2.83 14.33 8.99
CA LEU A 213 3.67 15.53 9.06
C LEU A 213 3.18 16.48 7.96
N PRO A 214 3.40 17.77 8.14
CA PRO A 214 2.84 18.75 7.19
C PRO A 214 3.46 18.76 5.81
N TRP A 215 4.57 18.07 5.64
CA TRP A 215 5.23 17.93 4.34
C TRP A 215 4.90 16.61 3.66
N GLN A 216 3.95 15.86 4.18
CA GLN A 216 3.37 14.73 3.44
C GLN A 216 2.40 15.19 2.38
N GLY A 217 2.29 14.38 1.34
CA GLY A 217 1.25 14.60 0.31
C GLY A 217 1.45 15.78 -0.61
N LEU A 218 2.66 16.26 -0.73
CA LEU A 218 2.93 17.40 -1.60
C LEU A 218 2.94 17.04 -3.05
N LYS A 219 2.42 17.92 -3.93
CA LYS A 219 2.54 17.72 -5.39
C LYS A 219 3.88 18.11 -5.96
N ALA A 220 4.34 17.38 -6.96
CA ALA A 220 5.54 17.71 -7.70
C ALA A 220 5.59 16.93 -9.00
N ALA A 221 6.36 17.44 -9.96
CA ALA A 221 6.44 16.78 -11.29
C ALA A 221 7.20 15.44 -11.29
N THR A 222 8.16 15.29 -10.39
CA THR A 222 9.07 14.14 -10.35
C THR A 222 9.43 13.84 -8.89
N LYS A 223 10.00 12.67 -8.65
CA LYS A 223 10.49 12.29 -7.30
C LYS A 223 11.58 13.25 -6.82
N ARG A 224 12.49 13.63 -7.69
CA ARG A 224 13.53 14.53 -7.31
C ARG A 224 12.92 15.87 -6.86
N GLN A 225 11.95 16.35 -7.62
CA GLN A 225 11.32 17.61 -7.26
C GLN A 225 10.46 17.46 -6.01
N LYS A 226 9.82 16.33 -5.80
CA LYS A 226 9.08 16.09 -4.57
C LYS A 226 9.99 16.22 -3.35
N TYR A 227 11.15 15.60 -3.42
CA TYR A 227 12.08 15.76 -2.29
C TYR A 227 12.46 17.22 -2.01
N GLU A 228 12.67 17.99 -3.07
CA GLU A 228 12.96 19.40 -2.94
C GLU A 228 11.79 20.12 -2.30
N ARG A 229 10.57 19.77 -2.66
CA ARG A 229 9.40 20.46 -2.05
C ARG A 229 9.21 20.09 -0.58
N ILE A 230 9.56 18.85 -0.21
CA ILE A 230 9.54 18.43 1.17
C ILE A 230 10.55 19.26 1.94
N SER A 231 11.75 19.39 1.36
CA SER A 231 12.81 20.24 1.95
C SER A 231 12.32 21.62 2.18
N GLU A 232 11.71 22.18 1.18
CA GLU A 232 11.19 23.57 1.28
C GLU A 232 10.12 23.71 2.37
N LYS A 233 9.24 22.74 2.51
CA LYS A 233 8.20 22.83 3.53
C LYS A 233 8.83 22.65 4.92
N LYS A 234 9.80 21.75 5.06
CA LYS A 234 10.47 21.61 6.35
C LYS A 234 11.19 22.91 6.72
N MET A 235 11.88 23.51 5.77
CA MET A 235 12.65 24.74 6.09
C MET A 235 11.68 25.86 6.47
N SER A 236 10.50 25.90 5.88
CA SER A 236 9.60 27.03 6.06
CA SER A 236 9.57 27.02 6.05
C SER A 236 8.54 26.84 7.14
N THR A 237 8.64 25.72 7.88
CA THR A 237 7.74 25.43 9.00
C THR A 237 8.50 25.55 10.30
N PRO A 238 8.29 26.67 11.00
CA PRO A 238 9.01 26.81 12.27
C PRO A 238 8.70 25.65 13.23
N ILE A 239 9.69 25.26 14.00
CA ILE A 239 9.53 24.14 14.92
CA ILE A 239 9.54 24.15 14.92
C ILE A 239 8.36 24.41 15.85
N GLU A 240 8.20 25.64 16.30
CA GLU A 240 7.11 25.91 17.25
CA GLU A 240 7.16 25.97 17.24
C GLU A 240 5.76 25.93 16.56
N VAL A 241 5.70 26.06 15.23
CA VAL A 241 4.48 25.81 14.45
C VAL A 241 4.22 24.29 14.25
N LEU A 242 5.25 23.57 13.82
CA LEU A 242 5.15 22.11 13.74
C LEU A 242 4.57 21.49 15.00
N CYS A 243 5.09 21.95 16.14
CA CYS A 243 4.82 21.34 17.45
C CYS A 243 3.74 22.07 18.26
N LYS A 244 3.00 22.96 17.61
CA LYS A 244 1.96 23.71 18.28
C LYS A 244 0.96 22.78 19.00
N GLY A 245 0.74 23.14 20.25
CA GLY A 245 -0.20 22.41 21.09
C GLY A 245 0.31 21.16 21.74
N TYR A 246 1.55 20.76 21.47
CA TYR A 246 2.14 19.59 22.10
C TYR A 246 3.12 20.08 23.15
N PRO A 247 3.51 19.19 24.08
CA PRO A 247 4.49 19.61 25.06
C PRO A 247 5.74 20.23 24.45
N SER A 248 6.25 21.25 25.12
CA SER A 248 7.39 22.01 24.65
C SER A 248 8.63 21.15 24.42
N GLU A 249 8.70 20.02 25.11
CA GLU A 249 9.87 19.13 24.97
C GLU A 249 10.11 18.65 23.55
N PHE A 250 9.06 18.48 22.78
CA PHE A 250 9.22 18.04 21.36
C PHE A 250 9.92 19.09 20.53
N ALA A 251 9.57 20.34 20.72
CA ALA A 251 10.31 21.44 20.09
C ALA A 251 11.71 21.60 20.62
N THR A 252 11.86 21.50 21.93
CA THR A 252 13.19 21.63 22.55
C THR A 252 14.14 20.55 21.98
N TYR A 253 13.63 19.33 21.86
CA TYR A 253 14.38 18.23 21.27
C TYR A 253 14.82 18.58 19.87
N LEU A 254 13.88 19.00 19.02
CA LEU A 254 14.21 19.28 17.62
C LEU A 254 15.17 20.45 17.47
N ASN A 255 14.95 21.50 18.24
CA ASN A 255 15.89 22.62 18.19
C ASN A 255 17.29 22.23 18.67
N PHE A 256 17.38 21.34 19.64
CA PHE A 256 18.68 20.89 20.13
C PHE A 256 19.41 20.15 18.98
N CYS A 257 18.68 19.24 18.34
CA CYS A 257 19.32 18.49 17.27
C CYS A 257 19.76 19.38 16.10
N ARG A 258 18.92 20.33 15.73
CA ARG A 258 19.23 21.26 14.62
CA ARG A 258 19.25 21.27 14.63
C ARG A 258 20.43 22.15 14.96
N SER A 259 20.70 22.37 16.24
CA SER A 259 21.77 23.23 16.71
C SER A 259 23.13 22.56 16.71
N LEU A 260 23.16 21.23 16.64
CA LEU A 260 24.43 20.49 16.76
C LEU A 260 25.33 20.79 15.60
N ARG A 261 26.62 20.91 15.91
CA ARG A 261 27.65 20.94 14.85
C ARG A 261 27.74 19.59 14.19
N PHE A 262 28.25 19.58 12.95
CA PHE A 262 28.46 18.33 12.20
C PHE A 262 29.14 17.26 12.99
N ASP A 263 30.24 17.63 13.64
CA ASP A 263 31.02 16.66 14.40
C ASP A 263 30.76 16.59 15.87
N ASP A 264 29.76 17.30 16.36
CA ASP A 264 29.45 17.28 17.79
C ASP A 264 28.99 15.88 18.25
N LYS A 265 29.39 15.52 19.48
CA LYS A 265 28.77 14.41 20.18
C LYS A 265 27.47 14.92 20.79
N PRO A 266 26.34 14.38 20.38
CA PRO A 266 25.11 14.79 21.01
C PRO A 266 25.06 14.50 22.49
N ASP A 267 24.32 15.32 23.24
CA ASP A 267 24.04 15.05 24.66
C ASP A 267 22.76 14.20 24.74
N TYR A 268 22.97 12.91 24.55
CA TYR A 268 21.86 11.95 24.53
C TYR A 268 21.13 12.00 25.88
N SER A 269 21.88 12.13 26.97
CA SER A 269 21.31 12.20 28.32
CA SER A 269 21.26 12.16 28.30
C SER A 269 20.34 13.35 28.42
N TYR A 270 20.76 14.51 27.94
CA TYR A 270 19.89 15.68 27.98
C TYR A 270 18.58 15.39 27.27
N LEU A 271 18.70 14.82 26.08
CA LEU A 271 17.51 14.59 25.29
C LEU A 271 16.57 13.57 25.96
N ARG A 272 17.11 12.51 26.54
CA ARG A 272 16.32 11.56 27.32
C ARG A 272 15.70 12.25 28.52
N GLN A 273 16.44 13.11 29.18
CA GLN A 273 15.93 13.76 30.39
CA GLN A 273 15.93 13.75 30.41
C GLN A 273 14.76 14.68 30.10
N LEU A 274 14.75 15.31 28.93
CA LEU A 274 13.58 16.18 28.57
C LEU A 274 12.33 15.34 28.71
N PHE A 275 12.29 14.18 28.09
CA PHE A 275 11.13 13.37 28.07
C PHE A 275 10.87 12.66 29.39
N ARG A 276 11.91 12.29 30.13
CA ARG A 276 11.71 11.66 31.40
C ARG A 276 11.14 12.65 32.40
N ASN A 277 11.58 13.90 32.35
CA ASN A 277 11.03 14.90 33.29
C ASN A 277 9.57 15.15 32.97
N LEU A 278 9.23 15.21 31.68
CA LEU A 278 7.83 15.40 31.29
C LEU A 278 6.99 14.21 31.75
N PHE A 279 7.50 13.01 31.59
CA PHE A 279 6.80 11.79 32.02
C PHE A 279 6.49 11.87 33.52
N HIS A 280 7.48 12.29 34.29
CA HIS A 280 7.29 12.46 35.73
C HIS A 280 6.26 13.55 36.06
N ARG A 281 6.35 14.71 35.43
CA ARG A 281 5.38 15.79 35.65
C ARG A 281 3.98 15.37 35.29
N GLN A 282 3.82 14.49 34.31
CA GLN A 282 2.52 14.04 33.92
C GLN A 282 1.93 13.00 34.86
N GLY A 283 2.75 12.46 35.77
CA GLY A 283 2.26 11.49 36.73
C GLY A 283 2.01 10.07 36.24
N PHE A 284 2.47 9.77 35.03
CA PHE A 284 2.24 8.44 34.45
C PHE A 284 2.87 7.32 35.34
N SER A 285 2.30 6.13 35.25
CA SER A 285 2.80 4.99 36.02
CA SER A 285 2.79 4.99 36.04
C SER A 285 4.02 4.44 35.35
N TYR A 286 4.98 3.96 36.16
CA TYR A 286 6.15 3.28 35.68
C TYR A 286 5.90 1.76 35.55
N ASP A 287 4.90 1.41 34.74
CA ASP A 287 4.47 0.03 34.54
C ASP A 287 4.82 -0.54 33.15
N TYR A 288 5.41 0.29 32.27
CA TYR A 288 5.74 -0.09 30.87
C TYR A 288 4.58 -0.50 30.01
N VAL A 289 3.39 -0.07 30.34
CA VAL A 289 2.24 -0.44 29.60
C VAL A 289 2.15 0.52 28.40
N PHE A 290 2.39 -0.02 27.20
CA PHE A 290 2.17 0.74 25.93
C PHE A 290 0.70 0.65 25.50
N ASP A 291 0.30 1.52 24.61
CA ASP A 291 -1.10 1.53 24.17
C ASP A 291 -1.55 0.19 23.61
N TRP A 292 -0.71 -0.51 22.84
CA TRP A 292 -1.08 -1.79 22.28
C TRP A 292 -1.25 -2.87 23.33
N ASN A 293 -0.68 -2.71 24.52
CA ASN A 293 -0.92 -3.69 25.59
C ASN A 293 -2.37 -3.62 26.09
N MET A 294 -3.15 -2.59 25.72
CA MET A 294 -4.59 -2.47 26.06
C MET A 294 -5.57 -3.08 25.07
N LEU A 295 -5.07 -3.58 23.95
CA LEU A 295 -5.94 -4.11 22.91
C LEU A 295 -6.59 -5.40 23.40
N LYS A 296 -7.85 -5.59 23.02
CA LYS A 296 -8.63 -6.78 23.45
C LYS A 296 -9.15 -7.51 22.25
N MET B 3 -36.24 -29.49 -22.82
CA MET B 3 -34.98 -30.28 -22.85
C MET B 3 -33.77 -29.42 -22.49
N GLU B 4 -32.91 -29.97 -21.66
CA GLU B 4 -31.79 -29.21 -21.15
C GLU B 4 -30.72 -28.95 -22.23
N LEU B 5 -30.07 -27.82 -22.07
CA LEU B 5 -29.18 -27.26 -23.02
C LEU B 5 -27.77 -27.82 -22.83
N ARG B 6 -27.16 -28.29 -23.90
CA ARG B 6 -25.79 -28.72 -23.86
C ARG B 6 -25.07 -28.21 -25.07
N VAL B 7 -23.96 -27.52 -24.82
CA VAL B 7 -23.15 -26.92 -25.88
C VAL B 7 -22.02 -27.88 -26.19
N GLY B 8 -21.89 -28.26 -27.46
CA GLY B 8 -20.98 -29.32 -27.85
C GLY B 8 -21.45 -30.57 -27.15
N ASN B 9 -20.58 -31.52 -26.96
CA ASN B 9 -20.95 -32.65 -26.11
C ASN B 9 -20.56 -32.50 -24.66
N ARG B 10 -19.83 -31.47 -24.32
CA ARG B 10 -19.15 -31.48 -23.12
C ARG B 10 -19.81 -30.58 -22.04
N TYR B 11 -20.54 -29.55 -22.43
CA TYR B 11 -20.92 -28.48 -21.49
C TYR B 11 -22.41 -28.38 -21.32
N ARG B 12 -22.88 -28.64 -20.14
CA ARG B 12 -24.28 -28.56 -19.86
C ARG B 12 -24.53 -27.20 -19.28
N LEU B 13 -25.47 -26.45 -19.88
CA LEU B 13 -25.82 -25.13 -19.37
C LEU B 13 -26.91 -25.15 -18.34
N GLY B 14 -26.64 -24.49 -17.22
CA GLY B 14 -27.68 -24.18 -16.23
C GLY B 14 -28.15 -22.74 -16.44
N ARG B 15 -28.49 -22.07 -15.37
CA ARG B 15 -29.08 -20.75 -15.47
C ARG B 15 -28.10 -19.66 -15.86
N LYS B 16 -28.65 -18.61 -16.44
CA LYS B 16 -27.92 -17.41 -16.70
C LYS B 16 -27.59 -16.75 -15.38
N ILE B 17 -26.33 -16.37 -15.18
CA ILE B 17 -25.90 -15.70 -13.95
C ILE B 17 -25.47 -14.24 -14.14
N GLY B 18 -25.27 -13.82 -15.38
CA GLY B 18 -25.03 -12.40 -15.62
C GLY B 18 -25.04 -12.09 -17.10
N SER B 19 -25.25 -10.82 -17.41
CA SER B 19 -25.20 -10.37 -18.77
C SER B 19 -23.93 -9.54 -18.87
N GLY B 20 -23.04 -9.97 -19.74
CA GLY B 20 -21.73 -9.37 -19.86
C GLY B 20 -21.86 -8.39 -20.99
N SER B 21 -20.79 -7.66 -21.25
CA SER B 21 -20.91 -6.55 -22.20
C SER B 21 -21.31 -7.00 -23.62
N PHE B 22 -20.97 -8.23 -24.05
CA PHE B 22 -21.21 -8.73 -25.46
C PHE B 22 -21.60 -10.23 -25.51
N GLY B 23 -22.45 -10.68 -24.59
CA GLY B 23 -22.63 -12.11 -24.40
C GLY B 23 -23.01 -12.31 -22.97
N ASP B 24 -23.71 -13.38 -22.72
CA ASP B 24 -24.11 -13.70 -21.37
C ASP B 24 -23.31 -14.83 -20.77
N ILE B 25 -23.32 -14.86 -19.43
CA ILE B 25 -22.60 -15.87 -18.65
C ILE B 25 -23.62 -16.79 -17.99
N TYR B 26 -23.36 -18.10 -18.12
CA TYR B 26 -24.25 -19.14 -17.59
C TYR B 26 -23.45 -19.98 -16.61
N LEU B 27 -24.16 -20.51 -15.61
CA LEU B 27 -23.61 -21.54 -14.76
C LEU B 27 -23.70 -22.78 -15.54
N GLY B 28 -22.69 -23.62 -15.45
CA GLY B 28 -22.69 -24.87 -16.23
C GLY B 28 -21.81 -25.95 -15.65
N THR B 29 -21.84 -27.10 -16.29
CA THR B 29 -21.02 -28.25 -15.91
C THR B 29 -20.20 -28.67 -17.10
N ASP B 30 -18.92 -28.85 -16.86
CA ASP B 30 -18.02 -29.53 -17.80
C ASP B 30 -18.14 -30.98 -17.45
N ILE B 31 -18.87 -31.68 -18.29
CA ILE B 31 -19.21 -33.08 -18.07
CA ILE B 31 -19.18 -33.10 -18.04
C ILE B 31 -17.94 -33.95 -18.09
N ALA B 32 -17.04 -33.68 -19.04
CA ALA B 32 -15.81 -34.50 -19.18
C ALA B 32 -14.87 -34.29 -18.01
N ALA B 33 -14.75 -33.05 -17.53
CA ALA B 33 -13.86 -32.75 -16.43
C ALA B 33 -14.48 -33.01 -15.07
N GLY B 34 -15.80 -33.11 -15.00
CA GLY B 34 -16.54 -33.16 -13.74
C GLY B 34 -16.46 -31.95 -12.86
N GLU B 35 -16.65 -30.79 -13.48
CA GLU B 35 -16.40 -29.50 -12.86
CA GLU B 35 -16.43 -29.53 -12.79
C GLU B 35 -17.55 -28.56 -13.08
N GLU B 36 -17.97 -27.83 -12.04
CA GLU B 36 -18.88 -26.68 -12.19
C GLU B 36 -18.05 -25.51 -12.70
N VAL B 37 -18.57 -24.87 -13.69
CA VAL B 37 -17.88 -23.74 -14.36
C VAL B 37 -18.87 -22.66 -14.71
N ALA B 38 -18.33 -21.51 -15.14
CA ALA B 38 -19.13 -20.52 -15.84
C ALA B 38 -18.82 -20.57 -17.31
N ILE B 39 -19.81 -20.29 -18.13
CA ILE B 39 -19.67 -20.40 -19.57
C ILE B 39 -20.20 -19.12 -20.23
N LYS B 40 -19.38 -18.49 -21.06
CA LYS B 40 -19.83 -17.34 -21.82
C LYS B 40 -20.02 -17.74 -23.24
N LEU B 41 -21.16 -17.31 -23.80
CA LEU B 41 -21.54 -17.64 -25.16
C LEU B 41 -21.67 -16.38 -25.97
N GLU B 42 -21.16 -16.41 -27.18
CA GLU B 42 -21.31 -15.31 -28.15
C GLU B 42 -21.88 -15.90 -29.44
N CYS B 43 -22.93 -15.27 -29.99
CA CYS B 43 -23.50 -15.74 -31.24
C CYS B 43 -22.47 -15.64 -32.34
N VAL B 44 -22.22 -16.74 -33.07
CA VAL B 44 -21.17 -16.79 -34.09
C VAL B 44 -21.45 -15.80 -35.24
N LYS B 45 -22.73 -15.50 -35.48
CA LYS B 45 -23.13 -14.55 -36.53
C LYS B 45 -23.13 -13.09 -36.10
N THR B 46 -22.65 -12.78 -34.90
CA THR B 46 -22.51 -11.36 -34.52
C THR B 46 -21.63 -10.59 -35.52
N LYS B 47 -22.03 -9.35 -35.80
CA LYS B 47 -21.29 -8.47 -36.71
C LYS B 47 -19.93 -8.05 -36.14
N HIS B 48 -19.81 -8.06 -34.81
CA HIS B 48 -18.59 -7.60 -34.14
C HIS B 48 -18.08 -8.68 -33.17
N PRO B 49 -17.60 -9.83 -33.71
CA PRO B 49 -17.16 -10.91 -32.82
C PRO B 49 -16.01 -10.47 -31.94
N GLN B 50 -16.11 -10.78 -30.66
CA GLN B 50 -15.08 -10.38 -29.72
C GLN B 50 -14.79 -11.35 -28.57
N LEU B 51 -15.48 -12.48 -28.46
CA LEU B 51 -15.22 -13.38 -27.34
C LEU B 51 -13.79 -13.91 -27.36
N HIS B 52 -13.27 -14.20 -28.53
CA HIS B 52 -11.92 -14.67 -28.64
C HIS B 52 -10.93 -13.57 -28.23
N ILE B 53 -11.20 -12.34 -28.63
CA ILE B 53 -10.39 -11.21 -28.17
C ILE B 53 -10.41 -11.12 -26.64
N GLU B 54 -11.61 -11.20 -26.07
CA GLU B 54 -11.73 -11.10 -24.63
C GLU B 54 -10.96 -12.22 -23.98
N SER B 55 -11.03 -13.45 -24.54
CA SER B 55 -10.34 -14.58 -23.93
C SER B 55 -8.84 -14.33 -23.90
N LYS B 56 -8.31 -13.67 -24.93
CA LYS B 56 -6.89 -13.38 -24.97
C LYS B 56 -6.48 -12.40 -23.89
N ILE B 57 -7.36 -11.44 -23.59
CA ILE B 57 -7.05 -10.49 -22.55
C ILE B 57 -7.01 -11.22 -21.19
N TYR B 58 -8.04 -12.06 -20.93
CA TYR B 58 -8.02 -12.88 -19.72
C TYR B 58 -6.74 -13.73 -19.64
N LYS B 59 -6.32 -14.33 -20.75
CA LYS B 59 -5.12 -15.14 -20.74
C LYS B 59 -3.88 -14.37 -20.37
N MET B 60 -3.78 -13.19 -20.95
CA MET B 60 -2.66 -12.37 -20.65
CA MET B 60 -2.70 -12.24 -20.66
C MET B 60 -2.67 -11.91 -19.17
N MET B 61 -3.86 -11.75 -18.57
CA MET B 61 -3.99 -11.37 -17.17
C MET B 61 -3.74 -12.55 -16.21
N GLN B 62 -3.66 -13.77 -16.71
CA GLN B 62 -3.63 -14.98 -15.88
C GLN B 62 -2.54 -14.94 -14.84
N GLY B 63 -2.85 -15.43 -13.65
CA GLY B 63 -1.89 -15.44 -12.56
C GLY B 63 -1.98 -14.23 -11.64
N GLY B 64 -2.64 -13.16 -12.10
CA GLY B 64 -2.91 -12.03 -11.26
C GLY B 64 -3.86 -12.40 -10.15
N VAL B 65 -3.65 -11.79 -9.01
CA VAL B 65 -4.54 -12.00 -7.86
C VAL B 65 -5.92 -11.54 -8.26
N GLY B 66 -6.90 -12.38 -8.05
CA GLY B 66 -8.27 -11.96 -8.31
C GLY B 66 -8.66 -11.93 -9.77
N ILE B 67 -7.99 -12.71 -10.63
CA ILE B 67 -8.36 -12.87 -12.01
C ILE B 67 -8.77 -14.34 -12.24
N PRO B 68 -10.00 -14.59 -12.72
CA PRO B 68 -10.40 -15.96 -12.97
C PRO B 68 -9.58 -16.57 -14.11
N THR B 69 -9.42 -17.86 -14.05
CA THR B 69 -8.84 -18.61 -15.18
C THR B 69 -9.91 -18.87 -16.23
N ILE B 70 -9.49 -18.88 -17.49
CA ILE B 70 -10.37 -19.22 -18.59
C ILE B 70 -9.77 -20.27 -19.51
N ARG B 71 -10.67 -20.82 -20.31
CA ARG B 71 -10.28 -21.68 -21.45
C ARG B 71 -11.12 -21.35 -22.71
N TRP B 72 -10.44 -20.94 -23.78
CA TRP B 72 -11.15 -20.66 -25.03
C TRP B 72 -11.49 -22.01 -25.68
N CYS B 73 -12.73 -22.20 -26.10
CA CYS B 73 -13.18 -23.47 -26.68
C CYS B 73 -13.69 -23.33 -28.12
N GLY B 74 -13.45 -22.19 -28.75
CA GLY B 74 -13.81 -21.96 -30.15
C GLY B 74 -15.29 -22.00 -30.42
N ALA B 75 -15.66 -22.30 -31.66
CA ALA B 75 -17.08 -22.40 -31.99
C ALA B 75 -17.63 -23.77 -31.70
N GLU B 76 -18.85 -23.77 -31.18
CA GLU B 76 -19.66 -24.97 -31.08
CA GLU B 76 -19.66 -24.99 -31.07
C GLU B 76 -20.97 -24.64 -31.73
N GLY B 77 -21.31 -25.31 -32.84
CA GLY B 77 -22.51 -24.94 -33.58
C GLY B 77 -22.46 -23.45 -33.94
N ASP B 78 -23.47 -22.70 -33.53
CA ASP B 78 -23.60 -21.25 -33.82
C ASP B 78 -23.24 -20.33 -32.60
N TYR B 79 -22.42 -20.85 -31.67
CA TYR B 79 -21.85 -20.02 -30.59
C TYR B 79 -20.36 -20.15 -30.52
N ASN B 80 -19.72 -19.02 -30.27
CA ASN B 80 -18.38 -19.07 -29.68
C ASN B 80 -18.53 -19.30 -28.16
N VAL B 81 -17.62 -20.10 -27.59
CA VAL B 81 -17.65 -20.54 -26.16
C VAL B 81 -16.34 -20.22 -25.39
N MET B 82 -16.49 -19.64 -24.22
CA MET B 82 -15.38 -19.45 -23.32
C MET B 82 -15.82 -20.01 -21.95
N VAL B 83 -15.04 -20.94 -21.46
CA VAL B 83 -15.27 -21.53 -20.15
C VAL B 83 -14.41 -20.77 -19.14
N MET B 84 -15.03 -20.46 -18.01
CA MET B 84 -14.40 -19.66 -16.97
C MET B 84 -14.51 -20.32 -15.61
N GLU B 85 -13.49 -20.09 -14.80
CA GLU B 85 -13.46 -20.47 -13.42
C GLU B 85 -14.69 -19.92 -12.73
N LEU B 86 -15.42 -20.77 -12.05
CA LEU B 86 -16.60 -20.31 -11.34
C LEU B 86 -16.22 -19.54 -10.07
N LEU B 87 -16.85 -18.37 -9.92
CA LEU B 87 -16.61 -17.52 -8.75
C LEU B 87 -17.89 -17.40 -7.96
N GLY B 88 -17.82 -16.69 -6.83
CA GLY B 88 -18.98 -16.49 -5.98
C GLY B 88 -19.82 -15.29 -6.39
N PRO B 89 -20.52 -14.68 -5.41
CA PRO B 89 -21.48 -13.64 -5.70
C PRO B 89 -20.83 -12.32 -6.11
N SER B 90 -21.52 -11.57 -6.94
CA SER B 90 -21.09 -10.22 -7.25
C SER B 90 -21.35 -9.28 -6.12
N LEU B 91 -20.63 -8.16 -6.14
CA LEU B 91 -20.85 -7.15 -5.13
C LEU B 91 -22.24 -6.51 -5.23
N GLU B 92 -22.82 -6.49 -6.43
CA GLU B 92 -24.20 -6.05 -6.57
C GLU B 92 -25.16 -6.99 -5.89
N ASP B 93 -24.94 -8.29 -6.08
CA ASP B 93 -25.75 -9.29 -5.45
C ASP B 93 -25.66 -9.18 -3.93
N LEU B 94 -24.45 -9.02 -3.42
CA LEU B 94 -24.23 -8.91 -1.98
C LEU B 94 -24.80 -7.62 -1.41
N PHE B 95 -24.68 -6.55 -2.19
CA PHE B 95 -25.31 -5.28 -1.79
C PHE B 95 -26.82 -5.42 -1.62
N ASN B 96 -27.46 -6.10 -2.57
CA ASN B 96 -28.89 -6.39 -2.41
C ASN B 96 -29.19 -7.24 -1.22
N PHE B 97 -28.39 -8.27 -1.00
CA PHE B 97 -28.56 -9.14 0.18
C PHE B 97 -28.47 -8.37 1.49
N CYS B 98 -27.64 -7.33 1.48
CA CYS B 98 -27.42 -6.47 2.62
C CYS B 98 -28.35 -5.24 2.62
N SER B 99 -29.45 -5.31 1.89
CA SER B 99 -30.45 -4.21 1.89
C SER B 99 -29.94 -2.87 1.39
N ARG B 100 -28.98 -2.99 0.48
CA ARG B 100 -28.47 -1.87 -0.29
C ARG B 100 -27.88 -0.81 0.60
N LYS B 101 -27.18 -1.24 1.63
CA LYS B 101 -26.21 -0.33 2.29
C LYS B 101 -25.09 -1.18 2.89
N PHE B 102 -23.87 -0.74 2.72
CA PHE B 102 -22.78 -1.43 3.39
C PHE B 102 -22.25 -0.52 4.50
N SER B 103 -21.68 -1.15 5.52
CA SER B 103 -20.98 -0.43 6.56
C SER B 103 -19.70 0.16 6.03
N LEU B 104 -19.20 1.18 6.71
CA LEU B 104 -17.96 1.81 6.31
C LEU B 104 -16.85 0.79 6.27
N LYS B 105 -16.77 -0.09 7.25
CA LYS B 105 -15.69 -1.08 7.28
C LYS B 105 -15.73 -1.92 6.00
N THR B 106 -16.91 -2.42 5.62
CA THR B 106 -17.04 -3.23 4.42
C THR B 106 -16.65 -2.46 3.16
N VAL B 107 -17.07 -1.18 3.07
CA VAL B 107 -16.71 -0.34 1.95
C VAL B 107 -15.17 -0.23 1.87
N LEU B 108 -14.52 -0.01 2.98
CA LEU B 108 -13.07 0.16 2.99
C LEU B 108 -12.33 -1.13 2.75
N LEU B 109 -12.82 -2.27 3.23
CA LEU B 109 -12.24 -3.57 2.87
C LEU B 109 -12.27 -3.77 1.37
N LEU B 110 -13.42 -3.49 0.78
CA LEU B 110 -13.61 -3.64 -0.67
C LEU B 110 -12.74 -2.67 -1.45
N ALA B 111 -12.66 -1.42 -0.98
CA ALA B 111 -11.88 -0.39 -1.68
C ALA B 111 -10.44 -0.84 -1.83
N ASP B 112 -9.83 -1.35 -0.75
CA ASP B 112 -8.44 -1.72 -0.84
C ASP B 112 -8.18 -2.70 -1.97
N GLN B 113 -9.01 -3.72 -2.04
CA GLN B 113 -8.85 -4.72 -3.06
C GLN B 113 -9.22 -4.24 -4.43
N MET B 114 -10.27 -3.45 -4.54
CA MET B 114 -10.70 -2.99 -5.85
C MET B 114 -9.63 -2.08 -6.51
N ILE B 115 -8.99 -1.21 -5.72
CA ILE B 115 -7.92 -0.38 -6.24
C ILE B 115 -6.82 -1.29 -6.77
N SER B 116 -6.47 -2.31 -5.99
CA SER B 116 -5.43 -3.26 -6.42
C SER B 116 -5.77 -4.04 -7.67
N ARG B 117 -7.01 -4.43 -7.84
CA ARG B 117 -7.40 -5.16 -9.06
CA ARG B 117 -7.44 -5.17 -9.03
C ARG B 117 -7.28 -4.25 -10.26
N ILE B 118 -7.75 -3.03 -10.13
CA ILE B 118 -7.60 -2.07 -11.22
C ILE B 118 -6.14 -1.78 -11.53
N GLU B 119 -5.33 -1.56 -10.49
CA GLU B 119 -3.89 -1.36 -10.70
C GLU B 119 -3.28 -2.52 -11.48
N TYR B 120 -3.65 -3.75 -11.13
CA TYR B 120 -3.10 -4.92 -11.82
C TYR B 120 -3.44 -4.89 -13.32
N ILE B 121 -4.70 -4.65 -13.64
CA ILE B 121 -5.11 -4.57 -15.03
C ILE B 121 -4.27 -3.50 -15.75
N HIS B 122 -4.13 -2.32 -15.12
CA HIS B 122 -3.32 -1.26 -15.71
C HIS B 122 -1.86 -1.68 -15.88
N SER B 123 -1.34 -2.48 -14.96
CA SER B 123 0.04 -2.93 -15.05
C SER B 123 0.25 -3.86 -16.24
N LYS B 124 -0.84 -4.51 -16.67
CA LYS B 124 -0.84 -5.36 -17.86
C LYS B 124 -1.35 -4.66 -19.07
N ASN B 125 -1.34 -3.33 -19.03
CA ASN B 125 -1.45 -2.46 -20.21
C ASN B 125 -2.84 -2.23 -20.72
N PHE B 126 -3.84 -2.59 -19.90
CA PHE B 126 -5.26 -2.43 -20.28
C PHE B 126 -5.99 -1.53 -19.29
N ILE B 127 -7.01 -0.88 -19.80
CA ILE B 127 -8.03 -0.23 -19.00
C ILE B 127 -9.31 -1.07 -19.12
N HIS B 128 -10.09 -1.12 -18.05
CA HIS B 128 -11.25 -2.01 -17.98
C HIS B 128 -12.47 -1.41 -18.68
N ARG B 129 -12.76 -0.13 -18.34
CA ARG B 129 -13.82 0.66 -18.95
C ARG B 129 -15.27 0.26 -18.62
N ASP B 130 -15.46 -0.63 -17.66
CA ASP B 130 -16.80 -0.94 -17.17
C ASP B 130 -16.77 -1.32 -15.71
N VAL B 131 -16.19 -0.43 -14.92
CA VAL B 131 -16.06 -0.62 -13.50
C VAL B 131 -17.39 -0.41 -12.82
N LYS B 132 -17.93 -1.48 -12.26
CA LYS B 132 -19.26 -1.45 -11.64
C LYS B 132 -19.40 -2.65 -10.71
N PRO B 133 -20.33 -2.59 -9.77
CA PRO B 133 -20.42 -3.67 -8.77
C PRO B 133 -20.67 -5.04 -9.34
N ASP B 134 -21.35 -5.13 -10.48
CA ASP B 134 -21.61 -6.41 -11.11
C ASP B 134 -20.35 -7.11 -11.62
N ASN B 135 -19.26 -6.35 -11.81
CA ASN B 135 -18.02 -6.91 -12.33
C ASN B 135 -16.96 -7.21 -11.29
N PHE B 136 -17.31 -7.12 -10.01
CA PHE B 136 -16.47 -7.57 -8.96
C PHE B 136 -17.22 -8.70 -8.25
N LEU B 137 -16.56 -9.84 -8.09
CA LEU B 137 -17.18 -11.05 -7.48
C LEU B 137 -16.29 -11.53 -6.37
N MET B 138 -16.84 -12.05 -5.29
CA MET B 138 -16.05 -12.74 -4.29
C MET B 138 -15.74 -14.17 -4.74
N GLY B 139 -14.61 -14.67 -4.26
CA GLY B 139 -14.27 -16.08 -4.51
C GLY B 139 -15.20 -17.03 -3.84
N LEU B 140 -15.11 -18.29 -4.25
CA LEU B 140 -15.86 -19.34 -3.58
C LEU B 140 -14.98 -19.93 -2.50
N GLY B 141 -15.65 -20.51 -1.51
CA GLY B 141 -14.94 -21.29 -0.52
C GLY B 141 -13.85 -20.57 0.23
N LYS B 142 -12.65 -21.14 0.17
CA LYS B 142 -11.47 -20.59 0.85
C LYS B 142 -10.98 -19.28 0.23
N LYS B 143 -11.44 -18.96 -0.97
CA LYS B 143 -11.16 -17.67 -1.59
C LYS B 143 -12.28 -16.68 -1.36
N GLY B 144 -13.14 -16.90 -0.38
CA GLY B 144 -14.22 -16.05 -0.13
C GLY B 144 -13.89 -14.65 0.31
N ASN B 145 -12.70 -14.44 0.79
CA ASN B 145 -12.31 -13.08 1.19
C ASN B 145 -11.63 -12.30 0.07
N LEU B 146 -11.44 -12.89 -1.10
CA LEU B 146 -10.78 -12.28 -2.24
C LEU B 146 -11.83 -11.74 -3.23
N VAL B 147 -11.64 -10.46 -3.56
CA VAL B 147 -12.43 -9.80 -4.59
C VAL B 147 -11.76 -10.08 -5.94
N TYR B 148 -12.53 -10.63 -6.87
CA TYR B 148 -12.11 -10.79 -8.26
C TYR B 148 -12.76 -9.72 -9.14
N ILE B 149 -12.09 -9.42 -10.24
CA ILE B 149 -12.66 -8.55 -11.28
C ILE B 149 -12.86 -9.37 -12.54
N ILE B 150 -13.96 -9.12 -13.20
CA ILE B 150 -14.33 -9.85 -14.42
C ILE B 150 -14.73 -8.90 -15.51
N ASP B 151 -14.89 -9.48 -16.68
CA ASP B 151 -15.50 -8.89 -17.89
C ASP B 151 -14.54 -7.93 -18.57
N PHE B 152 -13.86 -8.44 -19.57
CA PHE B 152 -12.94 -7.66 -20.37
C PHE B 152 -13.50 -7.34 -21.73
N GLY B 153 -14.82 -7.41 -21.88
CA GLY B 153 -15.45 -7.15 -23.17
C GLY B 153 -15.34 -5.73 -23.68
N LEU B 154 -15.20 -4.75 -22.79
CA LEU B 154 -15.01 -3.35 -23.15
C LEU B 154 -13.59 -2.89 -22.92
N ALA B 155 -12.70 -3.79 -22.53
CA ALA B 155 -11.35 -3.38 -22.15
C ALA B 155 -10.56 -2.96 -23.39
N LYS B 156 -9.57 -2.09 -23.20
CA LYS B 156 -8.73 -1.57 -24.29
C LYS B 156 -7.29 -1.45 -23.80
N LYS B 157 -6.34 -1.76 -24.67
CA LYS B 157 -4.94 -1.50 -24.37
C LYS B 157 -4.71 -0.01 -24.40
N TYR B 158 -4.15 0.55 -23.34
CA TYR B 158 -3.94 2.00 -23.23
C TYR B 158 -2.48 2.39 -23.41
N ARG B 159 -1.56 1.43 -23.36
CA ARG B 159 -0.13 1.76 -23.56
C ARG B 159 0.55 0.58 -24.18
N ASP B 160 1.67 0.87 -24.82
CA ASP B 160 2.50 -0.22 -25.37
C ASP B 160 3.11 -1.00 -24.23
N ALA B 161 3.08 -2.33 -24.35
CA ALA B 161 3.60 -3.17 -23.30
C ALA B 161 5.10 -3.00 -23.05
N ARG B 162 5.85 -2.70 -24.08
CA ARG B 162 7.28 -2.54 -23.93
C ARG B 162 7.70 -1.10 -23.67
N THR B 163 7.20 -0.18 -24.47
CA THR B 163 7.69 1.21 -24.44
C THR B 163 6.89 2.12 -23.51
N HIS B 164 5.70 1.63 -23.13
CA HIS B 164 4.71 2.40 -22.34
C HIS B 164 4.24 3.66 -23.04
N GLN B 165 4.39 3.78 -24.34
CA GLN B 165 3.78 4.88 -25.05
C GLN B 165 2.25 4.79 -24.88
N HIS B 166 1.65 5.89 -24.47
CA HIS B 166 0.21 5.95 -24.15
C HIS B 166 -0.60 6.19 -25.44
N ILE B 167 -1.82 5.67 -25.49
CA ILE B 167 -2.73 6.02 -26.57
C ILE B 167 -3.00 7.52 -26.63
N PRO B 168 -3.34 8.02 -27.81
CA PRO B 168 -3.59 9.44 -27.93
C PRO B 168 -4.96 9.86 -27.40
N TYR B 169 -5.04 11.13 -27.09
CA TYR B 169 -6.31 11.77 -26.70
C TYR B 169 -7.26 11.75 -27.87
N ARG B 170 -8.53 11.49 -27.63
CA ARG B 170 -9.58 11.56 -28.64
CA ARG B 170 -9.57 11.56 -28.65
C ARG B 170 -10.84 12.10 -28.01
N GLU B 171 -11.68 12.71 -28.87
CA GLU B 171 -12.96 13.26 -28.51
C GLU B 171 -14.08 12.59 -29.28
N ASN B 172 -15.32 12.95 -28.97
CA ASN B 172 -16.51 12.45 -29.67
C ASN B 172 -16.67 10.91 -29.60
N LYS B 173 -16.29 10.34 -28.48
CA LYS B 173 -16.43 8.90 -28.22
C LYS B 173 -17.80 8.57 -27.67
N ASN B 174 -18.46 7.56 -28.20
CA ASN B 174 -19.77 7.19 -27.69
C ASN B 174 -19.60 6.54 -26.30
N LEU B 175 -20.61 6.69 -25.44
CA LEU B 175 -20.60 6.04 -24.09
C LEU B 175 -21.16 4.62 -24.25
N THR B 176 -20.26 3.66 -24.15
CA THR B 176 -20.59 2.24 -24.39
C THR B 176 -20.72 1.40 -23.12
N GLY B 177 -20.20 1.91 -22.00
CA GLY B 177 -20.23 1.22 -20.69
C GLY B 177 -21.46 1.59 -19.88
N THR B 178 -21.33 1.65 -18.56
CA THR B 178 -22.46 1.78 -17.68
C THR B 178 -22.55 3.22 -17.23
N ALA B 179 -23.61 3.90 -17.65
CA ALA B 179 -23.74 5.31 -17.40
C ALA B 179 -23.72 5.71 -15.95
N ARG B 180 -24.32 4.91 -15.06
CA ARG B 180 -24.37 5.28 -13.66
C ARG B 180 -22.98 5.51 -13.07
N TYR B 181 -21.98 4.77 -13.57
CA TYR B 181 -20.63 4.86 -12.97
C TYR B 181 -19.62 5.50 -13.88
N ALA B 182 -20.03 5.97 -15.04
CA ALA B 182 -19.12 6.58 -16.00
C ALA B 182 -18.48 7.84 -15.42
N SER B 183 -17.25 8.07 -15.82
CA SER B 183 -16.58 9.30 -15.45
C SER B 183 -17.21 10.50 -16.17
N ILE B 184 -17.01 11.68 -15.61
CA ILE B 184 -17.48 12.88 -16.29
C ILE B 184 -16.89 13.01 -17.68
N ASN B 185 -15.59 12.79 -17.81
CA ASN B 185 -14.98 12.89 -19.15
C ASN B 185 -15.57 11.89 -20.11
N THR B 186 -15.97 10.70 -19.63
CA THR B 186 -16.63 9.72 -20.52
C THR B 186 -17.94 10.29 -21.03
N HIS B 187 -18.73 10.88 -20.15
CA HIS B 187 -19.97 11.55 -20.60
C HIS B 187 -19.75 12.64 -21.63
N LEU B 188 -18.61 13.28 -21.54
CA LEU B 188 -18.22 14.36 -22.47
C LEU B 188 -17.53 13.82 -23.71
N GLY B 189 -17.48 12.52 -23.91
CA GLY B 189 -16.98 11.94 -25.13
C GLY B 189 -15.50 11.77 -25.22
N ILE B 190 -14.77 11.97 -24.12
CA ILE B 190 -13.32 11.88 -24.09
C ILE B 190 -12.88 10.41 -23.99
N GLU B 191 -11.83 10.07 -24.77
CA GLU B 191 -11.17 8.75 -24.64
C GLU B 191 -10.88 8.42 -23.19
N GLN B 192 -11.20 7.22 -22.77
CA GLN B 192 -10.94 6.79 -21.41
C GLN B 192 -9.48 6.45 -21.23
N SER B 193 -8.99 6.64 -20.01
CA SER B 193 -7.64 6.23 -19.64
C SER B 193 -7.63 5.73 -18.19
N ARG B 194 -6.48 5.55 -17.58
CA ARG B 194 -6.44 4.93 -16.25
C ARG B 194 -7.27 5.72 -15.21
N ARG B 195 -7.23 7.04 -15.33
CA ARG B 195 -7.97 7.90 -14.40
C ARG B 195 -9.45 7.55 -14.39
N ASP B 196 -10.02 7.18 -15.55
CA ASP B 196 -11.47 6.98 -15.64
C ASP B 196 -11.91 5.72 -14.91
N ASP B 197 -11.09 4.66 -14.97
CA ASP B 197 -11.39 3.43 -14.22
C ASP B 197 -11.45 3.75 -12.74
N LEU B 198 -10.50 4.58 -12.26
CA LEU B 198 -10.45 4.92 -10.83
C LEU B 198 -11.55 5.89 -10.44
N GLU B 199 -11.92 6.81 -11.30
CA GLU B 199 -13.08 7.69 -10.98
C GLU B 199 -14.35 6.87 -10.86
N SER B 200 -14.57 5.97 -11.78
CA SER B 200 -15.73 5.07 -11.70
C SER B 200 -15.77 4.27 -10.42
N LEU B 201 -14.61 3.77 -9.98
CA LEU B 201 -14.53 3.07 -8.72
C LEU B 201 -14.96 4.01 -7.58
N GLY B 202 -14.55 5.29 -7.61
CA GLY B 202 -15.03 6.26 -6.61
C GLY B 202 -16.51 6.40 -6.55
N TYR B 203 -17.19 6.35 -7.70
CA TYR B 203 -18.66 6.35 -7.70
C TYR B 203 -19.20 5.06 -7.17
N VAL B 204 -18.60 3.94 -7.44
CA VAL B 204 -19.04 2.68 -6.86
C VAL B 204 -18.96 2.74 -5.34
N LEU B 205 -17.88 3.30 -4.80
CA LEU B 205 -17.75 3.33 -3.35
C LEU B 205 -18.79 4.23 -2.73
N MET B 206 -19.07 5.36 -3.35
CA MET B 206 -20.11 6.22 -2.81
C MET B 206 -21.52 5.63 -2.96
N TYR B 207 -21.75 4.87 -4.01
CA TYR B 207 -22.96 4.09 -4.16
C TYR B 207 -23.12 3.13 -3.00
N PHE B 208 -22.06 2.41 -2.64
CA PHE B 208 -22.16 1.51 -1.51
C PHE B 208 -22.39 2.26 -0.21
N ASN B 209 -21.79 3.45 -0.05
CA ASN B 209 -22.01 4.23 1.16
C ASN B 209 -23.44 4.74 1.27
N LEU B 210 -23.97 5.28 0.18
CA LEU B 210 -25.27 5.98 0.19
C LEU B 210 -26.46 5.07 0.05
N GLY B 211 -26.29 3.98 -0.68
CA GLY B 211 -27.38 3.13 -1.09
C GLY B 211 -27.86 3.39 -2.52
N SER B 212 -27.62 4.59 -3.00
CA SER B 212 -27.93 4.98 -4.38
C SER B 212 -27.13 6.23 -4.65
N LEU B 213 -26.90 6.52 -5.92
CA LEU B 213 -26.27 7.77 -6.33
C LEU B 213 -27.35 8.80 -6.69
N PRO B 214 -27.02 10.10 -6.62
CA PRO B 214 -28.07 11.11 -6.84
C PRO B 214 -28.51 11.23 -8.28
N TRP B 215 -27.81 10.58 -9.17
CA TRP B 215 -28.15 10.56 -10.58
C TRP B 215 -28.81 9.26 -11.01
N GLN B 216 -29.15 8.38 -10.05
CA GLN B 216 -30.06 7.25 -10.32
C GLN B 216 -31.49 7.69 -10.39
N GLY B 217 -32.25 6.95 -11.21
CA GLY B 217 -33.69 7.17 -11.31
C GLY B 217 -34.12 8.38 -12.12
N LEU B 218 -33.23 8.91 -12.97
CA LEU B 218 -33.57 10.05 -13.80
C LEU B 218 -34.13 9.47 -15.12
N LYS B 219 -35.41 9.62 -15.28
CA LYS B 219 -36.14 9.08 -16.45
C LYS B 219 -36.04 9.97 -17.69
N ALA B 220 -36.02 9.34 -18.87
CA ALA B 220 -36.06 10.08 -20.16
C ALA B 220 -36.56 9.18 -21.29
N ALA B 221 -36.97 9.77 -22.42
CA ALA B 221 -37.46 8.98 -23.55
C ALA B 221 -36.39 8.13 -24.23
N THR B 222 -35.18 8.66 -24.32
CA THR B 222 -34.17 8.01 -25.12
C THR B 222 -32.95 7.83 -24.22
N LYS B 223 -32.08 6.90 -24.62
CA LYS B 223 -30.84 6.67 -23.93
C LYS B 223 -29.98 7.93 -23.94
N ARG B 224 -30.00 8.69 -25.04
CA ARG B 224 -29.13 9.86 -25.10
C ARG B 224 -29.64 10.86 -24.08
N GLN B 225 -30.96 11.05 -23.99
CA GLN B 225 -31.50 11.99 -23.03
C GLN B 225 -31.24 11.56 -21.61
N LYS B 226 -31.35 10.25 -21.35
CA LYS B 226 -31.13 9.74 -19.98
C LYS B 226 -29.68 9.95 -19.57
N TYR B 227 -28.77 9.63 -20.47
CA TYR B 227 -27.34 9.79 -20.21
C TYR B 227 -27.03 11.26 -20.03
N GLU B 228 -27.70 12.15 -20.76
CA GLU B 228 -27.50 13.57 -20.56
C GLU B 228 -27.97 14.01 -19.19
N ARG B 229 -29.10 13.53 -18.69
CA ARG B 229 -29.52 13.90 -17.36
C ARG B 229 -28.50 13.45 -16.33
N ILE B 230 -27.98 12.24 -16.51
CA ILE B 230 -26.99 11.71 -15.57
C ILE B 230 -25.74 12.57 -15.62
N SER B 231 -25.27 12.87 -16.81
CA SER B 231 -24.08 13.71 -16.97
C SER B 231 -24.25 15.05 -16.29
N GLU B 232 -25.39 15.69 -16.54
CA GLU B 232 -25.62 16.99 -15.98
CA GLU B 232 -25.71 17.00 -15.94
C GLU B 232 -25.70 16.92 -14.45
N LYS B 233 -26.30 15.87 -13.89
CA LYS B 233 -26.37 15.77 -12.45
C LYS B 233 -24.99 15.51 -11.85
N LYS B 234 -24.17 14.71 -12.49
CA LYS B 234 -22.80 14.49 -12.04
C LYS B 234 -21.99 15.77 -12.08
N MET B 235 -22.07 16.48 -13.18
CA MET B 235 -21.29 17.72 -13.32
C MET B 235 -21.73 18.76 -12.34
N SER B 236 -23.02 18.85 -12.02
CA SER B 236 -23.53 19.93 -11.21
C SER B 236 -23.61 19.59 -9.73
N THR B 237 -23.14 18.39 -9.31
CA THR B 237 -23.12 17.98 -7.91
C THR B 237 -21.66 18.01 -7.46
N PRO B 238 -21.26 19.03 -6.72
CA PRO B 238 -19.87 19.04 -6.24
C PRO B 238 -19.52 17.78 -5.49
N ILE B 239 -18.27 17.35 -5.63
CA ILE B 239 -17.79 16.20 -4.89
C ILE B 239 -18.08 16.29 -3.41
N GLU B 240 -17.87 17.46 -2.84
CA GLU B 240 -18.12 17.59 -1.40
C GLU B 240 -19.60 17.58 -1.04
N VAL B 241 -20.47 17.89 -1.99
CA VAL B 241 -21.92 17.66 -1.79
C VAL B 241 -22.28 16.17 -1.92
N LEU B 242 -21.76 15.51 -2.94
CA LEU B 242 -21.99 14.08 -3.12
C LEU B 242 -21.60 13.32 -1.85
N CYS B 243 -20.45 13.67 -1.31
CA CYS B 243 -19.82 12.92 -0.22
C CYS B 243 -20.11 13.48 1.16
N LYS B 244 -21.05 14.44 1.24
CA LYS B 244 -21.42 15.05 2.50
C LYS B 244 -21.82 14.01 3.55
N GLY B 245 -21.24 14.16 4.74
CA GLY B 245 -21.56 13.26 5.80
C GLY B 245 -20.81 11.96 5.82
N TYR B 246 -19.89 11.76 4.90
CA TYR B 246 -19.02 10.59 4.89
C TYR B 246 -17.60 11.08 5.10
N PRO B 247 -16.71 10.16 5.48
CA PRO B 247 -15.34 10.57 5.67
C PRO B 247 -14.75 11.30 4.47
N SER B 248 -13.93 12.28 4.79
CA SER B 248 -13.34 13.14 3.74
C SER B 248 -12.55 12.40 2.68
N GLU B 249 -12.06 11.21 3.03
CA GLU B 249 -11.29 10.41 2.09
C GLU B 249 -12.02 10.11 0.79
N PHE B 250 -13.34 9.94 0.87
CA PHE B 250 -14.09 9.64 -0.34
C PHE B 250 -14.04 10.78 -1.34
N ALA B 251 -14.16 12.00 -0.84
CA ALA B 251 -13.99 13.20 -1.66
C ALA B 251 -12.56 13.39 -2.11
N THR B 252 -11.60 13.16 -1.21
CA THR B 252 -10.19 13.27 -1.59
C THR B 252 -9.89 12.31 -2.74
N TYR B 253 -10.36 11.08 -2.63
CA TYR B 253 -10.17 10.09 -3.68
C TYR B 253 -10.72 10.59 -5.01
N LEU B 254 -11.99 11.05 -5.01
CA LEU B 254 -12.61 11.48 -6.25
C LEU B 254 -11.90 12.68 -6.84
N ASN B 255 -11.55 13.65 -5.97
CA ASN B 255 -10.80 14.80 -6.46
C ASN B 255 -9.48 14.44 -7.07
N PHE B 256 -8.80 13.45 -6.48
CA PHE B 256 -7.52 13.02 -6.99
C PHE B 256 -7.73 12.47 -8.39
N CYS B 257 -8.73 11.61 -8.54
CA CYS B 257 -8.97 11.01 -9.84
C CYS B 257 -9.36 12.00 -10.91
N ARG B 258 -10.20 12.98 -10.55
CA ARG B 258 -10.64 14.00 -11.51
CA ARG B 258 -10.63 13.98 -11.50
C ARG B 258 -9.51 14.92 -11.90
N SER B 259 -8.50 15.05 -11.06
CA SER B 259 -7.36 15.93 -11.30
CA SER B 259 -7.38 15.94 -11.36
C SER B 259 -6.29 15.32 -12.20
N LEU B 260 -6.32 13.98 -12.39
CA LEU B 260 -5.27 13.34 -13.17
C LEU B 260 -5.30 13.75 -14.61
N ARG B 261 -4.12 13.92 -15.18
CA ARG B 261 -4.02 14.09 -16.64
C ARG B 261 -4.39 12.83 -17.37
N PHE B 262 -4.80 12.98 -18.63
CA PHE B 262 -5.18 11.88 -19.44
C PHE B 262 -4.14 10.75 -19.39
N ASP B 263 -2.87 11.11 -19.54
CA ASP B 263 -1.82 10.11 -19.58
C ASP B 263 -1.05 9.89 -18.29
N ASP B 264 -1.51 10.46 -17.19
CA ASP B 264 -0.80 10.28 -15.90
C ASP B 264 -0.93 8.85 -15.37
N LYS B 265 0.13 8.38 -14.73
CA LYS B 265 0.08 7.14 -13.97
C LYS B 265 -0.47 7.47 -12.58
N PRO B 266 -1.62 6.88 -12.22
CA PRO B 266 -2.12 7.15 -10.88
C PRO B 266 -1.20 6.68 -9.76
N ASP B 267 -1.26 7.37 -8.61
CA ASP B 267 -0.57 6.89 -7.40
C ASP B 267 -1.49 5.97 -6.63
N TYR B 268 -1.49 4.71 -7.06
CA TYR B 268 -2.41 3.74 -6.48
C TYR B 268 -2.11 3.51 -4.99
N SER B 269 -0.83 3.56 -4.60
CA SER B 269 -0.41 3.39 -3.23
CA SER B 269 -0.49 3.34 -3.21
C SER B 269 -0.98 4.49 -2.37
N TYR B 270 -0.91 5.71 -2.85
CA TYR B 270 -1.48 6.83 -2.13
C TYR B 270 -2.96 6.59 -1.88
N LEU B 271 -3.67 6.19 -2.91
CA LEU B 271 -5.09 5.99 -2.79
C LEU B 271 -5.44 4.87 -1.83
N ARG B 272 -4.72 3.76 -1.87
CA ARG B 272 -4.94 2.70 -0.89
C ARG B 272 -4.58 3.19 0.53
N GLN B 273 -3.48 3.93 0.68
CA GLN B 273 -3.09 4.40 2.01
C GLN B 273 -4.12 5.36 2.57
N LEU B 274 -4.73 6.15 1.74
CA LEU B 274 -5.74 7.10 2.17
C LEU B 274 -6.84 6.37 2.90
N PHE B 275 -7.35 5.29 2.30
CA PHE B 275 -8.40 4.48 2.90
C PHE B 275 -7.91 3.59 4.05
N ARG B 276 -6.68 3.07 3.99
CA ARG B 276 -6.17 2.26 5.08
C ARG B 276 -5.98 3.13 6.32
N ASN B 277 -5.51 4.36 6.17
CA ASN B 277 -5.34 5.20 7.32
C ASN B 277 -6.67 5.47 7.98
N LEU B 278 -7.70 5.73 7.16
CA LEU B 278 -9.06 5.95 7.68
C LEU B 278 -9.54 4.70 8.41
N PHE B 279 -9.35 3.53 7.80
CA PHE B 279 -9.76 2.25 8.36
C PHE B 279 -9.18 2.08 9.74
N HIS B 280 -7.91 2.33 9.88
CA HIS B 280 -7.28 2.26 11.20
C HIS B 280 -7.73 3.35 12.17
N ARG B 281 -7.88 4.60 11.73
CA ARG B 281 -8.39 5.64 12.64
C ARG B 281 -9.79 5.33 13.18
N GLN B 282 -10.58 4.61 12.40
CA GLN B 282 -11.90 4.19 12.79
C GLN B 282 -11.90 3.00 13.74
N GLY B 283 -10.74 2.40 13.94
CA GLY B 283 -10.61 1.25 14.85
C GLY B 283 -10.95 -0.08 14.26
N PHE B 284 -11.04 -0.17 12.94
CA PHE B 284 -11.33 -1.44 12.36
C PHE B 284 -10.07 -2.35 12.21
N SER B 285 -10.28 -3.65 12.18
CA SER B 285 -9.22 -4.67 11.96
CA SER B 285 -9.16 -4.57 11.88
C SER B 285 -9.39 -5.32 10.61
N TYR B 286 -8.29 -5.58 9.92
CA TYR B 286 -8.32 -6.32 8.63
C TYR B 286 -8.56 -7.80 8.91
N ASP B 287 -9.79 -8.15 9.27
CA ASP B 287 -10.20 -9.51 9.54
C ASP B 287 -11.03 -10.12 8.43
N TYR B 288 -11.30 -9.31 7.39
CA TYR B 288 -12.11 -9.73 6.25
C TYR B 288 -13.48 -10.20 6.65
N VAL B 289 -14.02 -9.63 7.73
CA VAL B 289 -15.37 -9.88 8.14
C VAL B 289 -16.25 -8.80 7.50
N PHE B 290 -16.89 -9.18 6.39
CA PHE B 290 -17.76 -8.29 5.63
C PHE B 290 -19.18 -8.29 6.16
N ASP B 291 -19.99 -7.31 5.78
CA ASP B 291 -21.39 -7.25 6.27
C ASP B 291 -22.15 -8.55 6.01
N TRP B 292 -21.97 -9.17 4.86
CA TRP B 292 -22.72 -10.39 4.51
C TRP B 292 -22.25 -11.58 5.32
N ASN B 293 -21.08 -11.53 5.95
CA ASN B 293 -20.65 -12.59 6.90
C ASN B 293 -21.39 -12.55 8.22
N MET B 294 -21.96 -11.42 8.59
CA MET B 294 -22.53 -11.26 9.92
C MET B 294 -24.06 -11.19 9.83
N LEU B 295 -24.61 -11.56 8.67
CA LEU B 295 -26.04 -11.84 8.49
C LEU B 295 -26.32 -13.35 8.59
S SO4 C . 5.02 11.33 1.56
O1 SO4 C . 6.05 10.79 0.62
O2 SO4 C . 3.98 10.36 1.86
O3 SO4 C . 5.71 11.56 2.86
O4 SO4 C . 4.56 12.53 0.89
S SO4 D . 28.03 7.34 1.21
O1 SO4 D . 27.16 6.18 1.48
O2 SO4 D . 29.44 7.05 1.55
O3 SO4 D . 27.98 7.72 -0.22
O4 SO4 D . 27.61 8.53 2.02
S SO4 E . 33.31 12.01 19.86
O1 SO4 E . 33.53 10.99 18.78
O2 SO4 E . 32.21 11.53 20.69
O3 SO4 E . 34.56 12.09 20.69
O4 SO4 E . 32.96 13.40 19.35
C1 EDO F . -0.41 13.42 22.52
O1 EDO F . -1.70 13.41 21.90
C2 EDO F . 0.38 12.16 22.18
O2 EDO F . 0.33 11.93 20.78
C1 EDO G . 10.13 7.81 31.02
O1 EDO G . 11.00 7.07 30.19
C2 EDO G . 10.26 7.32 32.46
O2 EDO G . 9.99 5.91 32.48
C1 EDO H . 25.46 10.04 0.02
O1 EDO H . 25.04 10.65 -1.20
C2 EDO H . 24.57 8.87 0.41
O2 EDO H . 24.17 8.11 -0.75
C1 EDO I . 32.23 22.47 8.70
O1 EDO I . 32.28 23.40 9.77
C2 EDO I . 32.67 23.15 7.41
O2 EDO I . 34.08 23.46 7.46
C1 EDO J . 34.30 13.66 -1.65
C1 EDO J . 34.21 13.01 -1.59
O1 EDO J . 33.24 14.14 -2.52
O1 EDO J . 33.06 12.92 -2.43
C2 EDO J . 33.81 12.67 -0.60
C2 EDO J . 34.09 11.99 -0.47
O2 EDO J . 34.86 12.34 0.32
O2 EDO J . 32.83 12.17 0.15
NA NA K . 18.50 11.15 9.47
C4 K0B L . 4.05 -9.77 7.34
C5 K0B L . 4.00 -8.40 7.22
C6 K0B L . 4.63 -7.62 8.16
N1 K0B L . 6.05 -7.72 10.24
C7 K0B L . 5.31 -8.25 9.20
C8 K0B L . 9.65 -8.67 11.30
N2 K0B L . 8.68 -9.19 12.07
C9 K0B L . 11.00 -8.93 11.54
C10 K0B L . 11.91 -8.28 10.73
C11 K0B L . 10.29 -7.35 9.49
C12 K0B L . 10.84 -5.79 7.65
N3 K0B L . 11.62 -7.49 9.69
C13 K0B L . 10.38 -5.64 6.22
C14 K0B L . 8.17 -6.05 6.81
C15 K0B L . 8.50 -6.17 8.26
N4 K0B L . 9.32 -7.87 10.27
F1 K0B L . 4.69 -11.71 8.49
C3 K0B L . 4.71 -10.38 8.40
F K0B L . 3.52 -10.56 6.38
C2 K0B L . 5.37 -9.63 9.37
N K0B L . 6.15 -9.94 10.49
C1 K0B L . 6.52 -8.77 10.97
C K0B L . 7.35 -8.60 12.20
N5 K0B L . 9.90 -6.58 8.44
O K0B L . 9.05 -5.15 6.14
N6 K0B L . 13.16 -8.58 11.25
C16 K0B L . 12.92 -9.40 12.32
N7 K0B L . 11.65 -9.66 12.53
C17 K0B L . 14.46 -8.11 10.84
C26 K0B L . 14.58 -7.33 9.71
C25 K0B L . 15.84 -6.83 9.31
C20 K0B L . 16.98 -7.16 10.07
C19 K0B L . 16.81 -7.94 11.24
C18 K0B L . 15.59 -8.39 11.62
C24 K0B L . 16.01 -6.06 8.13
C23 K0B L . 17.25 -5.69 7.72
C22 K0B L . 18.36 -6.03 8.46
C21 K0B L . 18.24 -6.74 9.62
S SO4 M . -30.01 4.12 -13.32
O1 SO4 M . -30.02 2.67 -13.65
O2 SO4 M . -31.13 4.46 -12.39
O3 SO4 M . -28.69 4.42 -12.73
O4 SO4 M . -30.24 5.04 -14.44
S SO4 N . -12.57 2.07 -28.82
O1 SO4 N . -13.60 2.63 -29.74
O2 SO4 N . -13.06 0.79 -28.25
O3 SO4 N . -12.24 3.04 -27.75
O4 SO4 N . -11.32 1.84 -29.59
S SO4 O . 4.44 -0.31 -14.44
O1 SO4 O . 4.57 -0.24 -12.95
O2 SO4 O . 3.33 -1.22 -14.73
O3 SO4 O . 5.74 -0.80 -14.98
O4 SO4 O . 4.17 1.04 -14.98
S SO4 P . 0.45 -0.20 -0.97
O1 SO4 P . 1.09 -1.49 -0.54
O2 SO4 P . -0.99 -0.30 -0.77
O3 SO4 P . 0.96 0.94 -0.16
O4 SO4 P . 0.81 0.01 -2.40
C1 EDO Q . -12.04 -23.24 -15.67
O1 EDO Q . -11.66 -24.61 -15.83
C2 EDO Q . -11.53 -22.44 -16.86
O2 EDO Q . -10.14 -22.17 -16.69
NA NA R . -15.00 -12.92 5.38
#